data_2GQQ
#
_entry.id   2GQQ
#
_cell.length_a   100.100
_cell.length_b   237.000
_cell.length_c   75.600
_cell.angle_alpha   90.00
_cell.angle_beta   90.00
_cell.angle_gamma   90.00
#
_symmetry.space_group_name_H-M   'C 2 2 21'
#
_entity_poly.entity_id   1
_entity_poly.type   'polypeptide(L)'
_entity_poly.pdbx_seq_one_letter_code
;VDSKKRPGKDLDRIDRNILNELQKDGRISNVELSKRVGLSPTPCLERVRRLERQGFIQGYTALLNPHYLDASLLVFVEIT
LNRGAPDVFEQFNTAVQKLEEIQECHLVSGDFDYLLKTRVPDMSAYRKLLGETLLRLPGVNDTRTYVVMEEVKQSNRLVI
KTR
;
_entity_poly.pdbx_strand_id   A,B,C,D
#
# COMPACT_ATOMS: atom_id res chain seq x y z
N LEU A 11 36.20 -14.54 21.60
CA LEU A 11 36.62 -13.24 20.99
C LEU A 11 38.03 -13.41 20.42
N ASP A 12 38.11 -13.98 19.23
CA ASP A 12 39.40 -14.20 18.56
C ASP A 12 39.71 -13.11 17.53
N ARG A 13 40.76 -13.29 16.76
CA ARG A 13 41.13 -12.30 15.74
C ARG A 13 40.75 -12.83 14.36
N ILE A 14 41.47 -13.86 13.93
CA ILE A 14 41.22 -14.48 12.65
C ILE A 14 39.76 -14.90 12.55
N ASP A 15 39.15 -15.27 13.68
CA ASP A 15 37.76 -15.69 13.69
C ASP A 15 36.84 -14.59 13.19
N ARG A 16 37.28 -13.35 13.39
CA ARG A 16 36.50 -12.19 12.96
C ARG A 16 36.37 -12.24 11.44
N ASN A 17 37.51 -12.38 10.76
CA ASN A 17 37.49 -12.44 9.30
C ASN A 17 36.65 -13.63 8.84
N ILE A 18 36.73 -14.72 9.61
CA ILE A 18 35.95 -15.91 9.32
C ILE A 18 34.49 -15.49 9.25
N LEU A 19 34.02 -14.90 10.34
CA LEU A 19 32.65 -14.45 10.44
C LEU A 19 32.26 -13.55 9.27
N ASN A 20 33.02 -12.47 9.10
CA ASN A 20 32.72 -11.55 8.03
C ASN A 20 32.60 -12.27 6.70
N GLU A 21 33.47 -13.25 6.47
CA GLU A 21 33.45 -14.01 5.22
C GLU A 21 32.19 -14.86 5.09
N LEU A 22 31.87 -15.61 6.14
CA LEU A 22 30.69 -16.45 6.11
C LEU A 22 29.41 -15.68 5.83
N GLN A 23 29.28 -14.48 6.38
CA GLN A 23 28.07 -13.72 6.13
C GLN A 23 28.11 -13.10 4.74
N LYS A 24 29.30 -12.74 4.28
CA LYS A 24 29.43 -12.15 2.95
C LYS A 24 29.10 -13.20 1.90
N ASP A 25 29.08 -14.46 2.35
CA ASP A 25 28.78 -15.61 1.49
C ASP A 25 28.68 -16.90 2.31
N GLY A 26 27.46 -17.27 2.69
CA GLY A 26 27.28 -18.49 3.48
C GLY A 26 27.60 -19.79 2.79
N ARG A 27 27.16 -19.93 1.53
CA ARG A 27 27.41 -21.15 0.77
C ARG A 27 28.86 -21.22 0.33
N ILE A 28 29.73 -21.61 1.24
CA ILE A 28 31.15 -21.72 0.94
C ILE A 28 31.66 -23.08 1.39
N SER A 29 32.57 -23.65 0.61
CA SER A 29 33.15 -24.96 0.90
C SER A 29 34.17 -24.85 2.04
N ASN A 30 34.47 -25.96 2.68
CA ASN A 30 35.42 -25.99 3.79
C ASN A 30 36.74 -25.27 3.47
N VAL A 31 37.36 -25.67 2.36
CA VAL A 31 38.64 -25.10 1.92
C VAL A 31 38.52 -23.63 1.51
N GLU A 32 37.45 -23.33 0.76
CA GLU A 32 37.22 -21.97 0.28
C GLU A 32 36.95 -21.05 1.46
N LEU A 33 36.33 -21.59 2.51
CA LEU A 33 36.00 -20.83 3.71
C LEU A 33 37.27 -20.41 4.43
N SER A 34 38.35 -21.13 4.14
CA SER A 34 39.65 -20.84 4.75
C SER A 34 40.67 -20.72 3.63
N LYS A 35 40.30 -19.98 2.59
CA LYS A 35 41.18 -19.80 1.44
C LYS A 35 41.81 -18.40 1.42
N ARG A 36 40.97 -17.37 1.32
CA ARG A 36 41.44 -15.99 1.27
C ARG A 36 41.46 -15.34 2.66
N VAL A 37 41.35 -16.16 3.70
CA VAL A 37 41.37 -15.67 5.07
C VAL A 37 42.80 -15.61 5.61
N GLY A 38 43.65 -16.47 5.07
CA GLY A 38 45.03 -16.52 5.52
C GLY A 38 45.23 -17.71 6.44
N LEU A 39 44.72 -18.86 6.01
CA LEU A 39 44.83 -20.10 6.77
C LEU A 39 44.93 -21.30 5.84
N SER A 40 45.17 -22.47 6.40
CA SER A 40 45.27 -23.69 5.61
C SER A 40 44.00 -24.51 5.75
N PRO A 41 43.62 -25.26 4.70
CA PRO A 41 42.42 -26.10 4.66
C PRO A 41 42.04 -26.78 5.98
N THR A 42 42.57 -27.98 6.20
CA THR A 42 42.28 -28.74 7.41
C THR A 42 42.53 -27.97 8.71
N PRO A 43 43.67 -27.24 8.79
CA PRO A 43 44.03 -26.46 9.97
C PRO A 43 42.91 -25.62 10.59
N CYS A 44 42.20 -24.86 9.77
CA CYS A 44 41.12 -24.02 10.30
C CYS A 44 39.91 -23.92 9.38
N LEU A 45 38.92 -24.76 9.65
CA LEU A 45 37.69 -24.79 8.87
C LEU A 45 36.63 -25.43 9.73
N GLU A 46 37.08 -26.16 10.75
CA GLU A 46 36.17 -26.83 11.66
C GLU A 46 36.03 -25.96 12.91
N ARG A 47 36.87 -24.93 13.00
CA ARG A 47 36.84 -24.01 14.14
C ARG A 47 35.44 -23.39 14.27
N VAL A 48 34.85 -23.12 13.11
CA VAL A 48 33.52 -22.54 13.06
C VAL A 48 32.55 -23.31 13.96
N ARG A 49 32.85 -24.58 14.21
CA ARG A 49 32.00 -25.43 15.03
C ARG A 49 31.91 -24.93 16.48
N ARG A 50 33.02 -24.43 17.01
CA ARG A 50 33.05 -23.92 18.38
C ARG A 50 32.19 -22.65 18.45
N LEU A 51 32.14 -21.93 17.33
CA LEU A 51 31.35 -20.71 17.26
C LEU A 51 29.87 -21.09 17.24
N GLU A 52 29.58 -22.22 16.61
CA GLU A 52 28.22 -22.73 16.50
C GLU A 52 27.81 -23.41 17.80
N ARG A 53 28.80 -23.90 18.54
CA ARG A 53 28.54 -24.57 19.81
C ARG A 53 28.41 -23.52 20.91
N GLN A 54 29.31 -22.54 20.90
CA GLN A 54 29.27 -21.48 21.89
C GLN A 54 28.03 -20.63 21.67
N GLY A 55 28.09 -19.74 20.69
CA GLY A 55 26.95 -18.88 20.40
C GLY A 55 27.23 -17.81 19.36
N PHE A 56 28.44 -17.79 18.82
CA PHE A 56 28.79 -16.78 17.82
C PHE A 56 27.95 -16.95 16.57
N ILE A 57 27.97 -18.14 15.98
CA ILE A 57 27.19 -18.38 14.78
C ILE A 57 25.81 -18.87 15.20
N GLN A 58 24.80 -18.04 14.93
CA GLN A 58 23.43 -18.40 15.27
C GLN A 58 22.89 -19.45 14.30
N GLY A 59 23.45 -19.47 13.09
CA GLY A 59 23.00 -20.43 12.11
C GLY A 59 23.17 -19.91 10.70
N TYR A 60 22.77 -20.71 9.71
CA TYR A 60 22.88 -20.30 8.31
C TYR A 60 21.54 -20.35 7.62
N THR A 61 21.35 -19.50 6.61
CA THR A 61 20.10 -19.46 5.88
C THR A 61 20.26 -18.88 4.48
N ALA A 62 19.30 -19.19 3.62
CA ALA A 62 19.33 -18.70 2.26
C ALA A 62 18.38 -17.53 2.18
N LEU A 63 18.76 -16.54 1.38
CA LEU A 63 17.96 -15.33 1.21
C LEU A 63 17.31 -15.37 -0.17
N LEU A 64 15.97 -15.44 -0.19
CA LEU A 64 15.20 -15.48 -1.43
C LEU A 64 14.55 -14.13 -1.72
N ASN A 65 14.34 -13.82 -3.00
CA ASN A 65 13.72 -12.54 -3.40
C ASN A 65 12.21 -12.57 -3.24
N PRO A 66 11.67 -11.80 -2.27
CA PRO A 66 10.22 -11.76 -2.03
C PRO A 66 9.45 -11.24 -3.24
N HIS A 67 10.20 -10.76 -4.23
CA HIS A 67 9.59 -10.24 -5.45
C HIS A 67 9.16 -11.40 -6.35
N TYR A 68 9.91 -12.50 -6.31
CA TYR A 68 9.62 -13.68 -7.12
C TYR A 68 8.89 -14.76 -6.32
N LEU A 69 8.51 -14.43 -5.10
CA LEU A 69 7.78 -15.36 -4.26
C LEU A 69 6.43 -14.75 -3.93
N ASP A 70 5.62 -15.46 -3.16
CA ASP A 70 4.28 -14.95 -2.83
C ASP A 70 4.32 -14.00 -1.63
N ALA A 71 5.11 -12.95 -1.74
CA ALA A 71 5.24 -11.95 -0.70
C ALA A 71 5.85 -10.69 -1.28
N SER A 72 5.30 -10.29 -2.42
CA SER A 72 5.78 -9.10 -3.12
C SER A 72 5.58 -7.79 -2.36
N LEU A 73 4.63 -7.77 -1.42
CA LEU A 73 4.35 -6.56 -0.67
C LEU A 73 4.76 -6.57 0.80
N LEU A 74 5.35 -5.46 1.25
CA LEU A 74 5.82 -5.32 2.62
C LEU A 74 5.15 -4.16 3.35
N VAL A 75 4.92 -4.32 4.65
CA VAL A 75 4.26 -3.28 5.42
C VAL A 75 4.57 -3.35 6.90
N PHE A 76 4.81 -2.17 7.48
CA PHE A 76 5.11 -2.04 8.91
C PHE A 76 3.86 -1.65 9.67
N VAL A 77 3.86 -1.90 10.97
CA VAL A 77 2.72 -1.59 11.79
C VAL A 77 3.12 -1.19 13.21
N GLU A 78 2.58 -0.07 13.69
CA GLU A 78 2.85 0.39 15.05
C GLU A 78 1.67 -0.04 15.88
N ILE A 79 1.91 -1.00 16.77
CA ILE A 79 0.85 -1.52 17.60
C ILE A 79 1.03 -1.10 19.04
N THR A 80 -0.09 -0.78 19.68
CA THR A 80 -0.07 -0.35 21.06
C THR A 80 -0.91 -1.33 21.88
N LEU A 81 -0.27 -1.99 22.84
CA LEU A 81 -0.95 -2.95 23.68
C LEU A 81 -1.48 -2.29 24.96
N ASN A 82 -2.71 -2.63 25.32
CA ASN A 82 -3.33 -2.07 26.51
C ASN A 82 -2.82 -2.77 27.77
N ARG A 83 -2.14 -2.03 28.62
CA ARG A 83 -1.59 -2.59 29.85
C ARG A 83 -2.69 -2.94 30.85
N GLY A 84 -3.33 -4.09 30.63
CA GLY A 84 -4.37 -4.54 31.53
C GLY A 84 -3.79 -5.44 32.60
N ALA A 85 -3.32 -6.61 32.19
CA ALA A 85 -2.71 -7.56 33.10
C ALA A 85 -1.21 -7.56 32.84
N PRO A 86 -0.41 -7.75 33.90
CA PRO A 86 1.05 -7.77 33.74
C PRO A 86 1.47 -8.74 32.65
N ASP A 87 0.61 -9.72 32.37
CA ASP A 87 0.90 -10.69 31.33
C ASP A 87 0.48 -10.13 29.97
N VAL A 88 0.28 -8.82 29.90
CA VAL A 88 -0.13 -8.15 28.66
C VAL A 88 0.90 -8.37 27.56
N PHE A 89 2.17 -8.22 27.93
CA PHE A 89 3.27 -8.41 27.00
C PHE A 89 3.50 -9.90 26.77
N GLU A 90 3.65 -10.64 27.85
CA GLU A 90 3.89 -12.08 27.77
C GLU A 90 2.92 -12.76 26.82
N GLN A 91 1.65 -12.36 26.87
CA GLN A 91 0.63 -12.95 26.00
C GLN A 91 0.83 -12.58 24.54
N PHE A 92 1.08 -11.30 24.27
CA PHE A 92 1.30 -10.84 22.92
C PHE A 92 2.46 -11.64 22.30
N ASN A 93 3.59 -11.64 22.98
CA ASN A 93 4.76 -12.36 22.52
C ASN A 93 4.49 -13.80 22.17
N THR A 94 4.00 -14.56 23.15
CA THR A 94 3.70 -15.97 22.94
C THR A 94 2.38 -16.15 22.19
N ALA A 95 2.19 -15.36 21.14
CA ALA A 95 0.97 -15.47 20.35
C ALA A 95 1.23 -14.90 18.97
N VAL A 96 2.25 -14.06 18.87
CA VAL A 96 2.59 -13.46 17.59
C VAL A 96 3.62 -14.29 16.87
N GLN A 97 4.37 -15.09 17.62
CA GLN A 97 5.40 -15.95 17.02
C GLN A 97 4.76 -17.00 16.12
N LYS A 98 3.67 -17.58 16.61
CA LYS A 98 2.93 -18.61 15.88
C LYS A 98 2.44 -18.13 14.52
N LEU A 99 2.28 -16.82 14.38
CA LEU A 99 1.82 -16.23 13.13
C LEU A 99 2.98 -16.01 12.18
N GLU A 100 3.17 -16.94 11.24
CA GLU A 100 4.25 -16.84 10.28
C GLU A 100 4.03 -15.71 9.27
N GLU A 101 2.89 -15.04 9.35
CA GLU A 101 2.65 -13.96 8.40
C GLU A 101 3.54 -12.75 8.68
N ILE A 102 3.98 -12.59 9.92
CA ILE A 102 4.83 -11.47 10.25
C ILE A 102 6.29 -11.86 10.50
N GLN A 103 7.20 -11.12 9.87
CA GLN A 103 8.62 -11.39 9.99
C GLN A 103 9.22 -10.91 11.31
N GLU A 104 9.47 -9.61 11.40
CA GLU A 104 10.05 -9.00 12.59
C GLU A 104 9.02 -8.37 13.54
N CYS A 105 9.21 -8.57 14.83
CA CYS A 105 8.35 -8.02 15.85
C CYS A 105 9.19 -7.53 17.03
N HIS A 106 9.09 -6.23 17.32
CA HIS A 106 9.86 -5.65 18.42
C HIS A 106 9.02 -4.91 19.45
N LEU A 107 9.56 -4.85 20.66
CA LEU A 107 8.94 -4.16 21.77
C LEU A 107 9.80 -2.94 22.04
N VAL A 108 9.39 -1.80 21.50
CA VAL A 108 10.16 -0.57 21.66
C VAL A 108 9.60 0.37 22.71
N SER A 109 10.32 1.45 22.97
CA SER A 109 9.91 2.44 23.93
C SER A 109 9.39 3.63 23.16
N GLY A 110 8.45 4.37 23.74
CA GLY A 110 7.91 5.52 23.06
C GLY A 110 6.41 5.49 23.08
N ASP A 111 5.78 6.04 22.05
CA ASP A 111 4.32 6.06 21.97
C ASP A 111 3.84 4.63 21.95
N PHE A 112 3.82 4.05 20.75
CA PHE A 112 3.38 2.68 20.60
C PHE A 112 4.35 1.77 21.31
N ASP A 113 3.97 0.51 21.44
CA ASP A 113 4.81 -0.45 22.13
C ASP A 113 5.49 -1.48 21.23
N TYR A 114 4.81 -1.91 20.16
CA TYR A 114 5.39 -2.90 19.23
C TYR A 114 5.52 -2.40 17.80
N LEU A 115 6.49 -2.98 17.08
CA LEU A 115 6.75 -2.66 15.68
C LEU A 115 6.89 -3.96 14.92
N LEU A 116 5.94 -4.24 14.04
CA LEU A 116 5.98 -5.47 13.26
C LEU A 116 6.21 -5.22 11.78
N LYS A 117 7.17 -5.93 11.22
CA LYS A 117 7.49 -5.84 9.80
C LYS A 117 6.87 -7.08 9.19
N THR A 118 5.81 -6.90 8.40
CA THR A 118 5.14 -8.02 7.78
C THR A 118 5.08 -7.91 6.27
N ARG A 119 5.05 -9.08 5.63
CA ARG A 119 4.97 -9.17 4.18
C ARG A 119 3.71 -9.91 3.76
N VAL A 120 2.75 -9.17 3.22
CA VAL A 120 1.51 -9.75 2.74
C VAL A 120 1.60 -9.63 1.22
N PRO A 121 1.33 -10.73 0.50
CA PRO A 121 1.39 -10.76 -0.97
C PRO A 121 0.70 -9.61 -1.66
N ASP A 122 -0.53 -9.31 -1.25
CA ASP A 122 -1.28 -8.23 -1.88
C ASP A 122 -1.79 -7.22 -0.87
N MET A 123 -1.96 -5.98 -1.31
CA MET A 123 -2.43 -4.92 -0.43
C MET A 123 -3.72 -5.34 0.29
N SER A 124 -4.50 -6.21 -0.35
CA SER A 124 -5.74 -6.69 0.26
C SER A 124 -5.38 -7.69 1.34
N ALA A 125 -4.49 -8.62 0.97
CA ALA A 125 -4.04 -9.65 1.88
C ALA A 125 -3.74 -9.04 3.25
N TYR A 126 -3.13 -7.85 3.24
CA TYR A 126 -2.81 -7.17 4.48
C TYR A 126 -4.10 -6.79 5.20
N ARG A 127 -5.03 -6.21 4.46
CA ARG A 127 -6.31 -5.83 5.05
C ARG A 127 -6.92 -7.08 5.65
N LYS A 128 -6.56 -8.23 5.09
CA LYS A 128 -7.07 -9.51 5.58
C LYS A 128 -6.27 -9.90 6.82
N LEU A 129 -4.95 -9.85 6.70
CA LEU A 129 -4.07 -10.20 7.81
C LEU A 129 -4.50 -9.38 9.01
N LEU A 130 -4.78 -8.11 8.75
CA LEU A 130 -5.22 -7.19 9.79
C LEU A 130 -6.69 -7.46 10.08
N GLY A 131 -7.06 -7.37 11.35
CA GLY A 131 -8.44 -7.59 11.74
C GLY A 131 -9.04 -8.95 11.42
N GLU A 132 -8.21 -9.98 11.45
CA GLU A 132 -8.68 -11.32 11.16
C GLU A 132 -7.68 -12.28 11.77
N THR A 133 -6.57 -11.72 12.25
CA THR A 133 -5.51 -12.51 12.86
C THR A 133 -4.50 -11.54 13.42
N LEU A 134 -4.76 -10.26 13.21
CA LEU A 134 -3.86 -9.22 13.68
C LEU A 134 -4.50 -8.44 14.82
N LEU A 135 -5.54 -7.68 14.52
CA LEU A 135 -6.23 -6.90 15.53
C LEU A 135 -6.78 -7.76 16.65
N ARG A 136 -6.87 -9.06 16.39
CA ARG A 136 -7.39 -9.99 17.39
C ARG A 136 -6.28 -10.57 18.26
N LEU A 137 -5.22 -9.78 18.44
CA LEU A 137 -4.08 -10.20 19.26
C LEU A 137 -4.27 -9.79 20.73
N PRO A 138 -3.75 -10.60 21.66
CA PRO A 138 -3.84 -10.37 23.10
C PRO A 138 -3.49 -8.95 23.51
N GLY A 139 -4.52 -8.13 23.71
CA GLY A 139 -4.28 -6.75 24.11
C GLY A 139 -3.88 -5.90 22.94
N VAL A 140 -4.64 -4.83 22.70
CA VAL A 140 -4.36 -3.94 21.60
C VAL A 140 -5.33 -2.77 21.59
N ASN A 141 -4.80 -1.56 21.54
CA ASN A 141 -5.64 -0.37 21.51
C ASN A 141 -5.68 0.24 20.12
N ASP A 142 -4.49 0.50 19.56
CA ASP A 142 -4.44 1.09 18.23
C ASP A 142 -3.41 0.35 17.40
N THR A 143 -3.51 0.52 16.08
CA THR A 143 -2.60 -0.12 15.16
C THR A 143 -2.42 0.74 13.92
N ARG A 144 -1.43 1.62 13.99
CA ARG A 144 -1.12 2.51 12.88
C ARG A 144 -0.24 1.76 11.87
N THR A 145 -0.66 1.71 10.62
CA THR A 145 0.12 1.01 9.60
C THR A 145 0.84 1.92 8.63
N TYR A 146 2.07 1.53 8.27
CA TYR A 146 2.91 2.30 7.35
C TYR A 146 3.43 1.39 6.24
N VAL A 147 2.81 1.47 5.07
CA VAL A 147 3.22 0.65 3.93
C VAL A 147 4.50 1.18 3.31
N VAL A 148 5.34 0.29 2.82
CA VAL A 148 6.59 0.71 2.23
C VAL A 148 6.50 0.87 0.72
N MET A 149 6.73 2.09 0.26
CA MET A 149 6.67 2.41 -1.16
C MET A 149 7.95 2.05 -1.91
N GLU A 150 9.07 1.98 -1.19
CA GLU A 150 10.35 1.64 -1.81
C GLU A 150 11.37 1.16 -0.79
N GLU A 151 11.59 -0.15 -0.69
CA GLU A 151 12.57 -0.66 0.24
C GLU A 151 13.93 -0.44 -0.39
N VAL A 152 14.75 0.38 0.25
CA VAL A 152 16.06 0.71 -0.27
C VAL A 152 17.23 -0.06 0.36
N LYS A 153 17.06 -0.50 1.60
CA LYS A 153 18.13 -1.26 2.28
C LYS A 153 17.55 -2.36 3.15
N GLN A 154 18.10 -3.57 3.04
CA GLN A 154 17.63 -4.70 3.83
C GLN A 154 18.65 -5.81 3.89
N SER A 155 19.44 -5.82 4.96
CA SER A 155 20.48 -6.83 5.15
C SER A 155 20.62 -7.15 6.62
N ASN A 156 20.38 -8.42 6.97
CA ASN A 156 20.50 -8.84 8.37
C ASN A 156 21.97 -8.94 8.78
N ARG A 157 22.86 -8.60 7.85
CA ARG A 157 24.29 -8.65 8.09
C ARG A 157 24.73 -7.65 9.17
N LEU A 158 25.53 -8.12 10.12
CA LEU A 158 26.03 -7.26 11.20
C LEU A 158 27.30 -6.57 10.73
N VAL A 159 28.01 -5.92 11.64
CA VAL A 159 29.26 -5.23 11.30
C VAL A 159 30.47 -5.80 12.04
N ILE A 160 31.15 -6.75 11.40
CA ILE A 160 32.33 -7.36 12.00
C ILE A 160 33.52 -6.54 11.49
N LYS A 161 34.32 -5.98 12.39
CA LYS A 161 35.46 -5.16 11.97
C LYS A 161 36.79 -5.64 12.54
N THR A 162 37.58 -6.28 11.67
CA THR A 162 38.90 -6.85 11.98
C THR A 162 39.59 -6.28 13.22
N ARG A 163 40.20 -5.10 13.08
CA ARG A 163 40.86 -4.46 14.20
C ARG A 163 41.86 -5.42 14.86
N LEU B 11 10.40 -21.73 -11.99
CA LEU B 11 9.19 -21.54 -11.14
C LEU B 11 8.46 -22.86 -10.90
N ASP B 12 9.20 -23.96 -10.97
CA ASP B 12 8.64 -25.29 -10.74
C ASP B 12 8.19 -25.40 -9.30
N ARG B 13 7.10 -26.11 -9.08
CA ARG B 13 6.53 -26.30 -7.75
C ARG B 13 7.40 -27.16 -6.86
N ILE B 14 7.90 -28.29 -7.38
CA ILE B 14 8.73 -29.21 -6.62
C ILE B 14 9.95 -28.54 -5.96
N ASP B 15 10.41 -27.45 -6.57
CA ASP B 15 11.57 -26.71 -6.05
C ASP B 15 11.27 -26.02 -4.73
N ARG B 16 10.01 -25.61 -4.54
CA ARG B 16 9.62 -24.93 -3.31
C ARG B 16 10.19 -25.63 -2.08
N ASN B 17 10.30 -26.95 -2.13
CA ASN B 17 10.85 -27.70 -1.00
C ASN B 17 12.33 -27.37 -0.87
N ILE B 18 13.01 -27.28 -2.01
CA ILE B 18 14.43 -26.96 -2.04
C ILE B 18 14.62 -25.51 -1.59
N LEU B 19 13.57 -24.72 -1.67
CA LEU B 19 13.66 -23.32 -1.28
C LEU B 19 13.55 -23.18 0.23
N ASN B 20 12.54 -23.82 0.80
CA ASN B 20 12.30 -23.76 2.24
C ASN B 20 13.46 -24.36 3.04
N GLU B 21 13.87 -25.57 2.68
CA GLU B 21 14.96 -26.22 3.39
C GLU B 21 16.24 -25.40 3.30
N LEU B 22 16.51 -24.84 2.12
CA LEU B 22 17.71 -24.04 1.93
C LEU B 22 17.78 -22.84 2.88
N GLN B 23 16.65 -22.14 3.04
CA GLN B 23 16.65 -20.98 3.94
C GLN B 23 16.53 -21.46 5.38
N LYS B 24 16.30 -22.76 5.55
CA LYS B 24 16.17 -23.37 6.87
C LYS B 24 17.55 -23.69 7.44
N ASP B 25 18.47 -24.04 6.53
CA ASP B 25 19.85 -24.38 6.89
C ASP B 25 20.78 -24.17 5.68
N GLY B 26 21.33 -22.97 5.54
CA GLY B 26 22.21 -22.69 4.42
C GLY B 26 23.44 -23.59 4.43
N ARG B 27 23.72 -24.16 5.59
CA ARG B 27 24.85 -25.06 5.76
C ARG B 27 24.43 -26.49 5.41
N ILE B 28 23.72 -26.64 4.30
CA ILE B 28 23.27 -27.94 3.86
C ILE B 28 23.77 -28.16 2.43
N SER B 29 24.77 -29.02 2.30
CA SER B 29 25.36 -29.34 1.01
C SER B 29 24.48 -30.37 0.30
N ASN B 30 24.81 -30.67 -0.95
CA ASN B 30 24.02 -31.64 -1.72
C ASN B 30 23.81 -32.92 -0.92
N VAL B 31 24.74 -33.20 -0.01
CA VAL B 31 24.67 -34.38 0.84
C VAL B 31 23.31 -34.53 1.53
N GLU B 32 22.96 -33.56 2.35
CA GLU B 32 21.69 -33.60 3.08
C GLU B 32 20.59 -32.81 2.37
N LEU B 33 20.98 -31.72 1.71
CA LEU B 33 20.03 -30.88 0.99
C LEU B 33 19.35 -31.71 -0.10
N SER B 34 20.17 -32.26 -0.98
CA SER B 34 19.67 -33.09 -2.08
C SER B 34 19.38 -34.50 -1.57
N LYS B 35 18.71 -34.58 -0.42
CA LYS B 35 18.37 -35.87 0.18
C LYS B 35 16.99 -35.80 0.81
N ARG B 36 16.83 -34.90 1.78
CA ARG B 36 15.56 -34.71 2.48
C ARG B 36 14.44 -34.41 1.48
N VAL B 37 14.79 -33.69 0.41
CA VAL B 37 13.84 -33.31 -0.63
C VAL B 37 13.14 -34.51 -1.27
N GLY B 38 13.94 -35.41 -1.83
CA GLY B 38 13.37 -36.59 -2.46
C GLY B 38 14.07 -36.91 -3.76
N LEU B 39 15.26 -36.34 -3.96
CA LEU B 39 16.02 -36.57 -5.17
C LEU B 39 17.43 -37.07 -4.84
N SER B 40 18.29 -37.12 -5.86
CA SER B 40 19.66 -37.57 -5.69
C SER B 40 20.60 -36.37 -5.62
N PRO B 41 21.82 -36.58 -5.10
CA PRO B 41 22.85 -35.55 -4.96
C PRO B 41 23.22 -34.78 -6.24
N THR B 42 22.66 -35.20 -7.37
CA THR B 42 22.96 -34.53 -8.64
C THR B 42 21.74 -33.97 -9.36
N PRO B 43 20.71 -34.80 -9.57
CA PRO B 43 19.49 -34.37 -10.26
C PRO B 43 18.98 -32.96 -9.96
N CYS B 44 18.47 -32.74 -8.74
CA CYS B 44 17.94 -31.43 -8.36
C CYS B 44 18.97 -30.50 -7.71
N LEU B 45 20.14 -31.03 -7.37
CA LEU B 45 21.18 -30.19 -6.78
C LEU B 45 21.61 -29.23 -7.88
N GLU B 46 21.39 -29.64 -9.13
CA GLU B 46 21.72 -28.81 -10.28
C GLU B 46 20.51 -27.92 -10.51
N ARG B 47 19.39 -28.31 -9.90
CA ARG B 47 18.16 -27.54 -10.01
C ARG B 47 18.21 -26.37 -9.03
N VAL B 48 18.69 -26.63 -7.82
CA VAL B 48 18.79 -25.59 -6.81
C VAL B 48 19.87 -24.62 -7.27
N ARG B 49 20.72 -25.09 -8.17
CA ARG B 49 21.79 -24.26 -8.70
C ARG B 49 21.15 -23.27 -9.67
N ARG B 50 20.20 -23.77 -10.45
CA ARG B 50 19.49 -22.95 -11.43
C ARG B 50 18.67 -21.90 -10.72
N LEU B 51 18.17 -22.25 -9.53
CA LEU B 51 17.37 -21.32 -8.73
C LEU B 51 18.22 -20.15 -8.26
N GLU B 52 19.54 -20.35 -8.18
CA GLU B 52 20.45 -19.30 -7.76
C GLU B 52 20.61 -18.25 -8.85
N ARG B 53 20.47 -18.67 -10.11
CA ARG B 53 20.59 -17.78 -11.25
C ARG B 53 19.24 -17.20 -11.65
N GLN B 54 18.21 -18.04 -11.58
CA GLN B 54 16.85 -17.63 -11.93
C GLN B 54 16.39 -16.37 -11.20
N GLY B 55 16.93 -16.16 -10.00
CA GLY B 55 16.56 -14.98 -9.23
C GLY B 55 16.12 -15.31 -7.82
N PHE B 56 15.50 -16.48 -7.64
CA PHE B 56 15.02 -16.92 -6.33
C PHE B 56 16.08 -16.69 -5.28
N ILE B 57 17.12 -17.52 -5.31
CA ILE B 57 18.22 -17.40 -4.37
C ILE B 57 19.11 -16.23 -4.77
N GLN B 58 19.11 -15.18 -3.93
CA GLN B 58 19.91 -14.00 -4.19
C GLN B 58 21.31 -14.21 -3.61
N GLY B 59 21.40 -15.04 -2.58
CA GLY B 59 22.67 -15.34 -1.95
C GLY B 59 22.50 -16.09 -0.65
N TYR B 60 23.60 -16.40 0.01
CA TYR B 60 23.54 -17.13 1.28
C TYR B 60 24.33 -16.38 2.34
N THR B 61 23.91 -16.50 3.59
CA THR B 61 24.59 -15.83 4.69
C THR B 61 24.37 -16.53 6.02
N ALA B 62 25.24 -16.21 6.98
CA ALA B 62 25.16 -16.78 8.31
C ALA B 62 24.57 -15.76 9.26
N LEU B 63 23.81 -16.26 10.24
CA LEU B 63 23.16 -15.41 11.24
C LEU B 63 23.97 -15.37 12.53
N LEU B 64 23.98 -14.23 13.21
CA LEU B 64 24.73 -14.12 14.46
C LEU B 64 23.93 -13.41 15.53
N ASN B 65 24.31 -13.60 16.79
CA ASN B 65 23.62 -12.96 17.90
C ASN B 65 24.43 -11.78 18.44
N PRO B 66 24.07 -10.57 18.01
CA PRO B 66 24.75 -9.35 18.45
C PRO B 66 24.95 -9.28 19.96
N HIS B 67 24.19 -10.10 20.69
CA HIS B 67 24.33 -10.12 22.14
C HIS B 67 25.79 -10.41 22.49
N TYR B 68 26.53 -10.92 21.52
CA TYR B 68 27.95 -11.25 21.71
C TYR B 68 28.85 -10.17 21.11
N LEU B 69 28.88 -10.09 19.79
CA LEU B 69 29.68 -9.09 19.09
C LEU B 69 29.10 -7.72 19.42
N ASP B 70 29.95 -6.76 19.74
CA ASP B 70 29.49 -5.42 20.10
C ASP B 70 28.45 -4.90 19.12
N ALA B 71 27.19 -5.08 19.51
CA ALA B 71 26.03 -4.66 18.72
C ALA B 71 24.77 -5.20 19.40
N SER B 72 24.82 -5.33 20.72
CA SER B 72 23.69 -5.85 21.51
C SER B 72 22.57 -4.83 21.70
N LEU B 73 22.65 -3.71 20.97
CA LEU B 73 21.66 -2.65 21.09
C LEU B 73 21.07 -2.26 19.73
N LEU B 74 19.78 -2.53 19.58
CA LEU B 74 19.08 -2.25 18.33
C LEU B 74 18.14 -1.06 18.46
N VAL B 75 18.06 -0.24 17.43
CA VAL B 75 17.18 0.92 17.51
C VAL B 75 16.68 1.39 16.15
N PHE B 76 15.39 1.69 16.10
CA PHE B 76 14.73 2.17 14.90
C PHE B 76 14.70 3.69 14.95
N VAL B 77 14.70 4.33 13.78
CA VAL B 77 14.68 5.78 13.71
C VAL B 77 13.77 6.27 12.60
N GLU B 78 12.72 7.00 12.96
CA GLU B 78 11.81 7.52 11.97
C GLU B 78 12.40 8.83 11.49
N ILE B 79 12.56 8.96 10.18
CA ILE B 79 13.12 10.17 9.63
C ILE B 79 12.15 10.85 8.70
N THR B 80 12.04 12.16 8.84
CA THR B 80 11.14 12.96 8.03
C THR B 80 11.91 14.12 7.40
N LEU B 81 12.19 14.02 6.11
CA LEU B 81 12.92 15.06 5.40
C LEU B 81 12.00 15.96 4.57
N ASN B 82 12.31 17.25 4.54
CA ASN B 82 11.49 18.22 3.80
C ASN B 82 11.67 18.11 2.29
N ARG B 83 10.59 17.78 1.60
CA ARG B 83 10.61 17.65 0.15
C ARG B 83 11.00 18.98 -0.50
N GLY B 84 12.25 19.09 -0.93
CA GLY B 84 12.73 20.30 -1.57
C GLY B 84 12.93 20.12 -3.06
N ALA B 85 14.01 19.42 -3.42
CA ALA B 85 14.30 19.16 -4.83
C ALA B 85 13.87 17.74 -5.17
N PRO B 86 13.20 17.55 -6.32
CA PRO B 86 12.72 16.25 -6.80
C PRO B 86 13.60 15.04 -6.49
N ASP B 87 14.91 15.25 -6.42
CA ASP B 87 15.85 14.18 -6.12
C ASP B 87 15.98 13.98 -4.61
N VAL B 88 15.01 14.53 -3.87
CA VAL B 88 15.00 14.44 -2.42
C VAL B 88 15.24 13.02 -1.90
N PHE B 89 14.44 12.07 -2.37
CA PHE B 89 14.58 10.70 -1.95
C PHE B 89 15.74 10.05 -2.69
N GLU B 90 15.72 10.18 -4.02
CA GLU B 90 16.76 9.61 -4.87
C GLU B 90 18.14 9.83 -4.26
N GLN B 91 18.46 11.09 -3.96
CA GLN B 91 19.75 11.43 -3.38
C GLN B 91 19.95 10.83 -2.00
N PHE B 92 18.89 10.87 -1.19
CA PHE B 92 18.95 10.33 0.16
C PHE B 92 19.34 8.86 0.12
N ASN B 93 18.57 8.08 -0.64
CA ASN B 93 18.82 6.65 -0.77
C ASN B 93 20.23 6.41 -1.28
N THR B 94 20.67 7.23 -2.23
CA THR B 94 22.01 7.10 -2.77
C THR B 94 22.96 7.85 -1.85
N ALA B 95 22.86 7.55 -0.56
CA ALA B 95 23.71 8.19 0.43
C ALA B 95 23.61 7.40 1.72
N VAL B 96 22.42 6.91 2.00
CA VAL B 96 22.17 6.13 3.20
C VAL B 96 22.64 4.70 2.99
N GLN B 97 22.69 4.26 1.74
CA GLN B 97 23.15 2.91 1.43
C GLN B 97 24.65 2.81 1.66
N LYS B 98 25.35 3.92 1.42
CA LYS B 98 26.80 3.98 1.60
C LYS B 98 27.23 3.87 3.06
N LEU B 99 26.26 3.61 3.93
CA LEU B 99 26.50 3.47 5.37
C LEU B 99 26.13 2.04 5.74
N GLU B 100 27.08 1.30 6.28
CA GLU B 100 26.85 -0.09 6.64
C GLU B 100 26.28 -0.30 8.05
N GLU B 101 26.49 0.67 8.93
CA GLU B 101 26.00 0.53 10.29
C GLU B 101 24.48 0.65 10.43
N ILE B 102 23.77 0.38 9.33
CA ILE B 102 22.30 0.44 9.33
C ILE B 102 21.72 -0.73 8.53
N GLN B 103 21.15 -1.71 9.22
CA GLN B 103 20.59 -2.88 8.55
C GLN B 103 19.55 -2.60 7.49
N GLU B 104 18.45 -1.96 7.86
CA GLU B 104 17.37 -1.66 6.92
C GLU B 104 17.08 -0.16 6.75
N CYS B 105 16.19 0.13 5.80
CA CYS B 105 15.75 1.48 5.49
C CYS B 105 14.64 1.36 4.45
N HIS B 106 13.47 1.91 4.75
CA HIS B 106 12.35 1.86 3.82
C HIS B 106 11.65 3.21 3.71
N LEU B 107 11.12 3.49 2.52
CA LEU B 107 10.40 4.74 2.26
C LEU B 107 8.94 4.40 2.47
N VAL B 108 8.39 4.86 3.58
CA VAL B 108 7.01 4.58 3.91
C VAL B 108 6.11 5.77 3.63
N SER B 109 4.84 5.58 3.93
CA SER B 109 3.84 6.61 3.71
C SER B 109 3.15 7.05 5.00
N GLY B 110 3.22 8.34 5.31
CA GLY B 110 2.59 8.86 6.50
C GLY B 110 3.33 10.00 7.18
N ASP B 111 3.09 10.17 8.48
CA ASP B 111 3.72 11.22 9.26
C ASP B 111 5.23 11.34 9.05
N PHE B 112 5.87 10.24 8.65
CA PHE B 112 7.32 10.28 8.39
C PHE B 112 7.64 9.62 7.06
N ASP B 113 8.86 9.79 6.57
CA ASP B 113 9.21 9.22 5.27
C ASP B 113 9.96 7.88 5.32
N TYR B 114 11.00 7.82 6.14
CA TYR B 114 11.79 6.59 6.23
C TYR B 114 11.79 5.93 7.60
N LEU B 115 12.15 4.64 7.60
CA LEU B 115 12.23 3.85 8.82
C LEU B 115 13.55 3.09 8.83
N LEU B 116 14.62 3.70 9.35
CA LEU B 116 15.91 3.01 9.37
C LEU B 116 15.99 2.05 10.54
N LYS B 117 16.78 1.00 10.38
CA LYS B 117 16.96 0.02 11.45
C LYS B 117 18.46 -0.10 11.71
N THR B 118 18.98 0.82 12.51
CA THR B 118 20.40 0.80 12.80
C THR B 118 20.70 -0.05 14.02
N ARG B 119 21.90 -0.63 14.05
CA ARG B 119 22.30 -1.47 15.16
C ARG B 119 23.63 -1.00 15.72
N VAL B 120 23.72 -0.96 17.05
CA VAL B 120 24.94 -0.52 17.71
C VAL B 120 25.16 -1.25 19.02
N PRO B 121 26.35 -1.10 19.60
CA PRO B 121 26.69 -1.75 20.86
C PRO B 121 26.00 -1.19 22.10
N ASP B 122 26.42 0.01 22.52
CA ASP B 122 25.86 0.63 23.70
C ASP B 122 24.92 1.78 23.37
N MET B 123 24.15 2.19 24.37
CA MET B 123 23.21 3.29 24.22
C MET B 123 23.98 4.56 23.86
N SER B 124 25.27 4.56 24.16
CA SER B 124 26.14 5.69 23.89
C SER B 124 26.57 5.73 22.43
N ALA B 125 26.77 4.54 21.88
CA ALA B 125 27.17 4.39 20.48
C ALA B 125 26.17 5.06 19.54
N TYR B 126 24.91 4.65 19.66
CA TYR B 126 23.84 5.20 18.83
C TYR B 126 23.88 6.71 18.79
N ARG B 127 23.88 7.32 19.98
CA ARG B 127 23.90 8.78 20.09
C ARG B 127 24.97 9.33 19.16
N LYS B 128 26.14 8.72 19.21
CA LYS B 128 27.27 9.14 18.38
C LYS B 128 26.95 8.95 16.89
N LEU B 129 26.16 7.93 16.58
CA LEU B 129 25.80 7.63 15.19
C LEU B 129 24.93 8.76 14.62
N LEU B 130 23.99 9.23 15.42
CA LEU B 130 23.11 10.31 15.03
C LEU B 130 23.82 11.63 15.31
N GLY B 131 23.37 12.70 14.67
CA GLY B 131 23.98 14.01 14.88
C GLY B 131 25.36 14.15 14.27
N GLU B 132 26.05 13.02 14.10
CA GLU B 132 27.37 13.01 13.51
C GLU B 132 27.25 12.64 12.03
N THR B 133 26.34 11.70 11.76
CA THR B 133 26.12 11.22 10.40
C THR B 133 24.63 11.03 10.11
N LEU B 134 23.96 10.28 10.99
CA LEU B 134 22.55 10.01 10.82
C LEU B 134 21.77 11.29 10.66
N LEU B 135 21.96 12.24 11.56
CA LEU B 135 21.27 13.52 11.46
C LEU B 135 21.99 14.39 10.44
N ARG B 136 23.09 13.87 9.89
CA ARG B 136 23.87 14.61 8.89
C ARG B 136 23.46 14.22 7.47
N LEU B 137 22.53 13.27 7.36
CA LEU B 137 22.04 12.83 6.06
C LEU B 137 21.46 14.03 5.32
N PRO B 138 21.48 13.99 3.99
CA PRO B 138 20.97 15.06 3.13
C PRO B 138 19.45 15.25 3.15
N GLY B 139 19.00 16.41 3.64
CA GLY B 139 17.58 16.71 3.68
C GLY B 139 16.76 16.36 4.90
N VAL B 140 17.37 15.72 5.89
CA VAL B 140 16.64 15.34 7.10
C VAL B 140 16.16 16.58 7.84
N ASN B 141 14.97 16.48 8.45
CA ASN B 141 14.38 17.59 9.19
C ASN B 141 13.92 17.21 10.59
N ASP B 142 13.46 15.98 10.75
CA ASP B 142 12.98 15.49 12.03
C ASP B 142 13.28 14.00 12.15
N THR B 143 13.70 13.58 13.34
CA THR B 143 14.04 12.18 13.59
C THR B 143 13.61 11.67 14.94
N ARG B 144 12.59 10.80 14.95
CA ARG B 144 12.10 10.22 16.18
C ARG B 144 12.78 8.88 16.38
N THR B 145 13.47 8.74 17.52
CA THR B 145 14.20 7.52 17.83
C THR B 145 13.45 6.56 18.75
N TYR B 146 13.44 5.30 18.37
CA TYR B 146 12.77 4.25 19.14
C TYR B 146 13.72 3.09 19.41
N VAL B 147 14.13 2.94 20.67
CA VAL B 147 15.02 1.83 21.01
C VAL B 147 14.19 0.61 21.36
N VAL B 148 14.62 -0.55 20.90
CA VAL B 148 13.87 -1.76 21.23
C VAL B 148 14.37 -2.34 22.53
N MET B 149 13.46 -2.49 23.48
CA MET B 149 13.79 -3.03 24.79
C MET B 149 13.69 -4.55 24.76
N GLU B 150 13.08 -5.09 23.73
CA GLU B 150 12.93 -6.54 23.64
C GLU B 150 12.53 -6.98 22.24
N GLU B 151 13.37 -7.79 21.61
CA GLU B 151 13.05 -8.27 20.27
C GLU B 151 12.48 -9.68 20.38
N VAL B 152 11.21 -9.83 20.02
CA VAL B 152 10.53 -11.11 20.12
C VAL B 152 10.45 -11.91 18.81
N LYS B 153 10.92 -11.34 17.72
CA LYS B 153 10.88 -12.05 16.44
C LYS B 153 11.70 -11.32 15.39
N GLN B 154 12.54 -12.06 14.67
CA GLN B 154 13.37 -11.46 13.62
C GLN B 154 13.90 -12.54 12.69
N SER B 155 13.19 -12.73 11.57
CA SER B 155 13.58 -13.73 10.58
C SER B 155 13.25 -13.22 9.19
N ASN B 156 14.27 -13.08 8.35
CA ASN B 156 14.05 -12.60 6.99
C ASN B 156 13.43 -13.71 6.13
N ARG B 157 13.17 -14.86 6.75
CA ARG B 157 12.58 -16.01 6.07
C ARG B 157 11.17 -15.71 5.58
N LEU B 158 10.90 -16.06 4.32
CA LEU B 158 9.58 -15.85 3.74
C LEU B 158 8.69 -17.05 4.04
N VAL B 159 7.50 -17.10 3.43
CA VAL B 159 6.59 -18.21 3.66
C VAL B 159 6.37 -19.03 2.40
N ILE B 160 7.14 -20.10 2.24
CA ILE B 160 7.01 -20.97 1.08
C ILE B 160 6.12 -22.15 1.46
N LYS B 161 5.07 -22.38 0.68
CA LYS B 161 4.13 -23.46 0.93
C LYS B 161 4.54 -24.79 0.27
N PRO C 7 3.00 -11.40 -17.66
CA PRO C 7 2.01 -10.63 -18.47
C PRO C 7 0.78 -11.45 -18.89
N GLY C 8 -0.28 -11.37 -18.10
CA GLY C 8 -1.49 -12.12 -18.40
C GLY C 8 -2.74 -11.30 -18.69
N LYS C 9 -3.82 -11.62 -17.97
CA LYS C 9 -5.11 -10.95 -18.15
C LYS C 9 -5.70 -11.37 -19.49
N ASP C 10 -4.89 -11.23 -20.54
CA ASP C 10 -5.28 -11.59 -21.89
C ASP C 10 -6.59 -10.90 -22.30
N LEU C 11 -6.69 -9.59 -22.05
CA LEU C 11 -7.90 -8.85 -22.38
C LEU C 11 -7.91 -8.45 -23.83
N ASP C 12 -8.91 -8.94 -24.55
CA ASP C 12 -9.06 -8.66 -25.98
C ASP C 12 -8.71 -7.23 -26.37
N ARG C 13 -7.89 -7.09 -27.42
CA ARG C 13 -7.47 -5.78 -27.90
C ARG C 13 -8.70 -4.95 -28.27
N ILE C 14 -9.78 -5.64 -28.60
CA ILE C 14 -11.00 -4.95 -28.99
C ILE C 14 -11.91 -4.69 -27.79
N ASP C 15 -11.98 -5.61 -26.84
CA ASP C 15 -12.83 -5.41 -25.68
C ASP C 15 -12.39 -4.18 -24.91
N ARG C 16 -11.10 -3.87 -25.01
CA ARG C 16 -10.57 -2.70 -24.33
C ARG C 16 -11.26 -1.45 -24.86
N ASN C 17 -11.23 -1.29 -26.18
CA ASN C 17 -11.86 -0.13 -26.79
C ASN C 17 -13.33 -0.11 -26.43
N ILE C 18 -13.94 -1.29 -26.36
CA ILE C 18 -15.33 -1.40 -26.00
C ILE C 18 -15.50 -0.70 -24.65
N LEU C 19 -14.74 -1.16 -23.68
CA LEU C 19 -14.80 -0.60 -22.34
C LEU C 19 -14.61 0.91 -22.33
N ASN C 20 -13.52 1.38 -22.93
CA ASN C 20 -13.23 2.79 -22.97
C ASN C 20 -14.41 3.55 -23.55
N GLU C 21 -15.02 2.99 -24.59
CA GLU C 21 -16.15 3.63 -25.22
C GLU C 21 -17.35 3.71 -24.28
N LEU C 22 -17.75 2.58 -23.72
CA LEU C 22 -18.88 2.57 -22.80
C LEU C 22 -18.75 3.57 -21.66
N GLN C 23 -17.55 3.73 -21.09
CA GLN C 23 -17.40 4.68 -20.00
C GLN C 23 -17.38 6.10 -20.54
N LYS C 24 -16.75 6.29 -21.70
CA LYS C 24 -16.68 7.61 -22.32
C LYS C 24 -18.10 8.10 -22.55
N ASP C 25 -18.99 7.18 -22.89
CA ASP C 25 -20.41 7.50 -23.11
C ASP C 25 -21.21 6.25 -22.74
N GLY C 26 -22.04 6.37 -21.70
CA GLY C 26 -22.81 5.23 -21.25
C GLY C 26 -24.15 4.96 -21.89
N ARG C 27 -24.56 5.76 -22.87
CA ARG C 27 -25.85 5.52 -23.50
C ARG C 27 -25.72 5.19 -24.98
N ILE C 28 -24.49 5.06 -25.46
CA ILE C 28 -24.29 4.75 -26.86
C ILE C 28 -25.09 3.51 -27.24
N SER C 29 -25.60 3.55 -28.45
CA SER C 29 -26.36 2.45 -29.02
C SER C 29 -25.38 1.34 -29.34
N ASN C 30 -25.83 0.09 -29.30
CA ASN C 30 -24.93 -1.02 -29.60
C ASN C 30 -24.46 -0.88 -31.04
N VAL C 31 -25.39 -0.52 -31.92
CA VAL C 31 -25.04 -0.35 -33.32
C VAL C 31 -23.88 0.64 -33.48
N GLU C 32 -24.08 1.87 -33.02
CA GLU C 32 -23.03 2.87 -33.11
C GLU C 32 -21.78 2.34 -32.44
N LEU C 33 -21.97 1.69 -31.30
CA LEU C 33 -20.86 1.13 -30.54
C LEU C 33 -20.07 0.20 -31.42
N SER C 34 -20.77 -0.72 -32.07
CA SER C 34 -20.14 -1.70 -32.95
C SER C 34 -19.41 -1.02 -34.09
N LYS C 35 -19.89 0.15 -34.48
CA LYS C 35 -19.25 0.87 -35.56
C LYS C 35 -17.93 1.47 -35.06
N ARG C 36 -17.96 1.98 -33.83
CA ARG C 36 -16.79 2.60 -33.23
C ARG C 36 -15.67 1.60 -32.94
N VAL C 37 -16.00 0.32 -32.91
CA VAL C 37 -14.99 -0.69 -32.62
C VAL C 37 -14.71 -1.63 -33.79
N GLY C 38 -15.52 -1.49 -34.84
CA GLY C 38 -15.32 -2.29 -36.04
C GLY C 38 -16.25 -3.45 -36.32
N LEU C 39 -16.34 -4.39 -35.39
CA LEU C 39 -17.18 -5.57 -35.60
C LEU C 39 -18.67 -5.29 -35.77
N SER C 40 -19.34 -6.26 -36.40
CA SER C 40 -20.78 -6.18 -36.63
C SER C 40 -21.50 -6.01 -35.31
N PRO C 41 -22.72 -5.42 -35.36
CA PRO C 41 -23.53 -5.18 -34.17
C PRO C 41 -23.72 -6.40 -33.28
N THR C 42 -24.12 -7.51 -33.89
CA THR C 42 -24.37 -8.71 -33.14
C THR C 42 -23.16 -9.22 -32.36
N PRO C 43 -22.03 -9.39 -33.03
CA PRO C 43 -20.80 -9.87 -32.37
C PRO C 43 -20.35 -8.97 -31.20
N CYS C 44 -20.70 -7.69 -31.30
CA CYS C 44 -20.37 -6.68 -30.30
C CYS C 44 -21.29 -6.78 -29.09
N LEU C 45 -22.54 -7.14 -29.34
CA LEU C 45 -23.52 -7.27 -28.27
C LEU C 45 -23.21 -8.40 -27.31
N GLU C 46 -22.94 -9.60 -27.83
CA GLU C 46 -22.61 -10.72 -26.96
C GLU C 46 -21.18 -10.53 -26.49
N ARG C 47 -20.58 -9.42 -26.91
CA ARG C 47 -19.21 -9.10 -26.54
C ARG C 47 -19.25 -8.22 -25.29
N VAL C 48 -19.96 -7.11 -25.39
CA VAL C 48 -20.12 -6.21 -24.25
C VAL C 48 -20.80 -6.99 -23.17
N ARG C 49 -21.61 -7.96 -23.59
CA ARG C 49 -22.34 -8.79 -22.66
C ARG C 49 -21.39 -9.61 -21.82
N ARG C 50 -20.44 -10.29 -22.46
CA ARG C 50 -19.48 -11.11 -21.73
C ARG C 50 -18.57 -10.27 -20.84
N LEU C 51 -18.54 -8.97 -21.09
CA LEU C 51 -17.73 -8.06 -20.29
C LEU C 51 -18.63 -7.63 -19.13
N GLU C 52 -19.89 -7.37 -19.46
CA GLU C 52 -20.91 -6.96 -18.50
C GLU C 52 -21.29 -8.17 -17.66
N ARG C 53 -20.84 -9.34 -18.08
CA ARG C 53 -21.13 -10.59 -17.40
C ARG C 53 -20.02 -10.84 -16.36
N GLN C 54 -18.81 -11.11 -16.85
CA GLN C 54 -17.67 -11.37 -15.98
C GLN C 54 -17.68 -10.42 -14.77
N GLY C 55 -17.39 -9.15 -15.01
CA GLY C 55 -17.37 -8.18 -13.94
C GLY C 55 -16.62 -6.91 -14.31
N PHE C 56 -16.01 -6.91 -15.49
CA PHE C 56 -15.25 -5.75 -15.96
C PHE C 56 -16.15 -4.51 -15.91
N ILE C 57 -17.43 -4.72 -16.17
CA ILE C 57 -18.39 -3.64 -16.13
C ILE C 57 -19.33 -3.89 -14.97
N GLN C 58 -19.38 -2.95 -14.04
CA GLN C 58 -20.24 -3.11 -12.89
C GLN C 58 -21.65 -2.62 -13.19
N GLY C 59 -21.78 -1.63 -14.05
CA GLY C 59 -23.10 -1.12 -14.37
C GLY C 59 -23.03 0.23 -15.05
N TYR C 60 -24.19 0.85 -15.28
CA TYR C 60 -24.23 2.15 -15.93
C TYR C 60 -24.99 3.17 -15.08
N THR C 61 -24.63 4.43 -15.21
CA THR C 61 -25.28 5.50 -14.46
C THR C 61 -25.18 6.85 -15.14
N ALA C 62 -26.07 7.75 -14.75
CA ALA C 62 -26.10 9.09 -15.30
C ALA C 62 -25.45 10.02 -14.29
N LEU C 63 -24.87 11.12 -14.77
CA LEU C 63 -24.21 12.09 -13.93
C LEU C 63 -25.11 13.31 -13.74
N LEU C 64 -25.29 13.73 -12.49
CA LEU C 64 -26.13 14.89 -12.19
C LEU C 64 -25.30 16.09 -11.72
N ASN C 65 -25.83 17.30 -11.89
CA ASN C 65 -25.08 18.48 -11.46
C ASN C 65 -25.28 18.78 -9.99
N PRO C 66 -24.21 18.59 -9.20
CA PRO C 66 -24.25 18.83 -7.76
C PRO C 66 -24.57 20.29 -7.46
N HIS C 67 -24.77 21.09 -8.50
CA HIS C 67 -25.10 22.49 -8.29
C HIS C 67 -26.57 22.79 -8.54
N TYR C 68 -27.18 22.05 -9.46
CA TYR C 68 -28.60 22.26 -9.76
C TYR C 68 -29.48 21.57 -8.74
N LEU C 69 -28.85 20.79 -7.85
CA LEU C 69 -29.56 20.05 -6.81
C LEU C 69 -28.84 20.29 -5.49
N ASP C 70 -29.61 20.49 -4.42
CA ASP C 70 -29.00 20.74 -3.10
C ASP C 70 -27.89 19.77 -2.73
N ALA C 71 -26.65 20.15 -3.07
CA ALA C 71 -25.49 19.32 -2.80
C ALA C 71 -24.26 20.06 -3.29
N SER C 72 -24.45 21.35 -3.54
CA SER C 72 -23.38 22.21 -4.03
C SER C 72 -22.10 22.06 -3.23
N LEU C 73 -22.21 22.18 -1.92
CA LEU C 73 -21.05 22.09 -1.03
C LEU C 73 -20.52 20.67 -0.91
N LEU C 74 -19.21 20.53 -1.08
CA LEU C 74 -18.54 19.25 -0.99
C LEU C 74 -17.44 19.38 0.05
N VAL C 75 -17.34 18.39 0.94
CA VAL C 75 -16.31 18.45 1.96
C VAL C 75 -15.73 17.07 2.28
N PHE C 76 -14.45 17.07 2.63
CA PHE C 76 -13.77 15.84 2.99
C PHE C 76 -13.57 15.79 4.50
N VAL C 77 -13.60 14.58 5.05
CA VAL C 77 -13.41 14.40 6.48
C VAL C 77 -12.50 13.22 6.76
N GLU C 78 -11.70 13.32 7.82
CA GLU C 78 -10.78 12.25 8.19
C GLU C 78 -11.20 11.62 9.51
N ILE C 79 -11.59 10.35 9.45
CA ILE C 79 -12.03 9.64 10.63
C ILE C 79 -11.01 8.70 11.23
N THR C 80 -10.57 9.03 12.44
CA THR C 80 -9.62 8.20 13.15
C THR C 80 -10.40 7.61 14.31
N LEU C 81 -10.75 6.34 14.20
CA LEU C 81 -11.51 5.68 15.23
C LEU C 81 -10.65 4.82 16.17
N ASN C 82 -11.29 4.35 17.23
CA ASN C 82 -10.61 3.51 18.22
C ASN C 82 -10.95 2.04 18.04
N ARG C 83 -9.92 1.21 17.89
CA ARG C 83 -10.12 -0.21 17.72
C ARG C 83 -10.28 -0.87 19.10
N GLY C 84 -11.24 -1.77 19.22
CA GLY C 84 -11.45 -2.42 20.49
C GLY C 84 -12.46 -3.56 20.39
N ALA C 85 -12.91 -3.84 19.17
CA ALA C 85 -13.86 -4.92 18.95
C ALA C 85 -13.61 -5.57 17.59
N PRO C 86 -12.39 -6.06 17.36
CA PRO C 86 -11.97 -6.72 16.11
C PRO C 86 -13.08 -7.01 15.11
N ASP C 87 -13.68 -5.93 14.60
CA ASP C 87 -14.77 -5.97 13.63
C ASP C 87 -15.21 -4.52 13.48
N VAL C 88 -14.66 -3.67 14.34
CA VAL C 88 -14.99 -2.24 14.34
C VAL C 88 -14.86 -1.64 12.95
N PHE C 89 -13.83 -2.08 12.22
CA PHE C 89 -13.61 -1.60 10.87
C PHE C 89 -14.71 -2.12 9.94
N GLU C 90 -15.26 -3.26 10.30
CA GLU C 90 -16.32 -3.88 9.52
C GLU C 90 -17.67 -3.27 9.91
N GLN C 91 -17.90 -3.13 11.20
CA GLN C 91 -19.15 -2.54 11.69
C GLN C 91 -19.30 -1.12 11.15
N PHE C 92 -18.20 -0.39 11.16
CA PHE C 92 -18.18 0.99 10.69
C PHE C 92 -18.46 1.03 9.19
N ASN C 93 -17.71 0.21 8.45
CA ASN C 93 -17.85 0.12 7.01
C ASN C 93 -19.29 -0.22 6.62
N THR C 94 -19.80 -1.33 7.15
CA THR C 94 -21.16 -1.76 6.86
C THR C 94 -22.13 -0.88 7.65
N ALA C 95 -21.90 0.42 7.64
CA ALA C 95 -22.75 1.35 8.37
C ALA C 95 -22.69 2.71 7.72
N VAL C 96 -21.72 2.88 6.83
CA VAL C 96 -21.55 4.12 6.12
C VAL C 96 -22.14 3.93 4.74
N GLN C 97 -22.54 2.70 4.44
CA GLN C 97 -23.12 2.40 3.14
C GLN C 97 -24.63 2.65 3.15
N LYS C 98 -25.11 3.16 4.28
CA LYS C 98 -26.53 3.45 4.45
C LYS C 98 -26.83 4.94 4.28
N LEU C 99 -25.79 5.77 4.27
CA LEU C 99 -25.94 7.21 4.13
C LEU C 99 -25.45 7.75 2.79
N GLU C 100 -26.40 8.05 1.92
CA GLU C 100 -26.08 8.57 0.59
C GLU C 100 -25.33 9.89 0.65
N GLU C 101 -25.37 10.56 1.80
CA GLU C 101 -24.68 11.84 1.97
C GLU C 101 -23.16 11.69 1.98
N ILE C 102 -22.68 10.49 1.68
CA ILE C 102 -21.24 10.24 1.62
C ILE C 102 -20.97 9.35 0.42
N GLN C 103 -20.28 9.93 -0.56
CA GLN C 103 -19.97 9.26 -1.80
C GLN C 103 -18.68 8.42 -1.82
N GLU C 104 -17.79 8.66 -0.88
CA GLU C 104 -16.54 7.89 -0.83
C GLU C 104 -16.05 7.68 0.60
N CYS C 105 -15.82 6.42 0.94
CA CYS C 105 -15.29 6.07 2.24
C CYS C 105 -14.15 5.10 2.00
N HIS C 106 -12.96 5.50 2.45
CA HIS C 106 -11.77 4.68 2.28
C HIS C 106 -11.07 4.46 3.61
N LEU C 107 -10.38 3.34 3.68
CA LEU C 107 -9.62 2.98 4.87
C LEU C 107 -8.15 3.04 4.51
N VAL C 108 -7.52 4.18 4.74
CA VAL C 108 -6.11 4.37 4.42
C VAL C 108 -5.20 4.21 5.63
N SER C 109 -3.90 4.07 5.36
CA SER C 109 -2.91 3.92 6.42
C SER C 109 -2.42 5.28 6.91
N GLY C 110 -1.89 5.32 8.13
CA GLY C 110 -1.36 6.57 8.68
C GLY C 110 -2.10 7.16 9.87
N ASP C 111 -1.74 8.38 10.22
CA ASP C 111 -2.33 9.12 11.33
C ASP C 111 -3.84 8.91 11.55
N PHE C 112 -4.60 8.69 10.48
CA PHE C 112 -6.04 8.44 10.63
C PHE C 112 -6.41 7.16 9.90
N ASP C 113 -7.68 6.77 9.96
CA ASP C 113 -8.12 5.54 9.32
C ASP C 113 -9.06 5.72 8.14
N TYR C 114 -10.02 6.62 8.28
CA TYR C 114 -10.96 6.84 7.19
C TYR C 114 -10.95 8.21 6.56
N LEU C 115 -11.10 8.22 5.24
CA LEU C 115 -11.16 9.43 4.45
C LEU C 115 -12.53 9.35 3.81
N LEU C 116 -13.42 10.24 4.19
CA LEU C 116 -14.76 10.25 3.64
C LEU C 116 -15.01 11.46 2.77
N LYS C 117 -15.80 11.24 1.73
CA LYS C 117 -16.16 12.33 0.82
C LYS C 117 -17.67 12.51 0.97
N THR C 118 -18.06 13.63 1.55
CA THR C 118 -19.47 13.91 1.77
C THR C 118 -19.95 15.14 1.02
N ARG C 119 -21.19 15.09 0.57
CA ARG C 119 -21.79 16.19 -0.16
C ARG C 119 -23.08 16.67 0.50
N VAL C 120 -23.08 17.94 0.92
CA VAL C 120 -24.24 18.53 1.56
C VAL C 120 -24.49 19.91 0.96
N PRO C 121 -25.73 20.40 1.03
CA PRO C 121 -26.10 21.71 0.48
C PRO C 121 -25.46 22.92 1.16
N ASP C 122 -25.62 22.99 2.47
CA ASP C 122 -25.09 24.10 3.26
C ASP C 122 -23.94 23.68 4.15
N MET C 123 -23.33 24.67 4.79
CA MET C 123 -22.24 24.42 5.71
C MET C 123 -22.90 23.85 6.96
N SER C 124 -24.00 24.47 7.36
CA SER C 124 -24.77 24.07 8.53
C SER C 124 -25.45 22.73 8.30
N ALA C 125 -25.55 22.35 7.02
CA ALA C 125 -26.13 21.09 6.62
C ALA C 125 -25.07 20.05 6.95
N TYR C 126 -23.81 20.43 6.74
CA TYR C 126 -22.68 19.57 7.03
C TYR C 126 -22.55 19.49 8.54
N ARG C 127 -22.49 20.65 9.18
CA ARG C 127 -22.37 20.67 10.62
C ARG C 127 -23.37 19.66 11.17
N LYS C 128 -24.56 19.62 10.59
CA LYS C 128 -25.59 18.68 11.03
C LYS C 128 -25.14 17.24 10.83
N LEU C 129 -24.80 16.91 9.58
CA LEU C 129 -24.34 15.58 9.25
C LEU C 129 -23.19 15.22 10.18
N LEU C 130 -22.36 16.21 10.49
CA LEU C 130 -21.22 16.02 11.36
C LEU C 130 -21.69 15.87 12.80
N GLY C 131 -21.31 14.76 13.41
CA GLY C 131 -21.71 14.52 14.78
C GLY C 131 -23.09 13.91 14.94
N GLU C 132 -24.12 14.63 14.54
CA GLU C 132 -25.48 14.12 14.67
C GLU C 132 -25.63 12.78 13.96
N THR C 133 -24.70 12.49 13.07
CA THR C 133 -24.72 11.23 12.33
C THR C 133 -23.31 10.81 12.01
N LEU C 134 -22.41 11.78 12.00
CA LEU C 134 -21.03 11.51 11.68
C LEU C 134 -20.26 10.97 12.88
N LEU C 135 -20.06 11.81 13.89
CA LEU C 135 -19.34 11.39 15.09
C LEU C 135 -20.05 10.23 15.78
N ARG C 136 -21.36 10.12 15.56
CA ARG C 136 -22.14 9.06 16.19
C ARG C 136 -21.88 7.72 15.50
N LEU C 137 -21.18 7.75 14.37
CA LEU C 137 -20.85 6.53 13.65
C LEU C 137 -20.13 5.53 14.54
N PRO C 138 -20.14 4.23 14.16
CA PRO C 138 -19.51 3.14 14.90
C PRO C 138 -18.13 3.45 15.49
N GLY C 139 -18.12 3.80 16.78
CA GLY C 139 -16.90 4.11 17.50
C GLY C 139 -15.82 4.88 16.76
N VAL C 140 -15.75 6.19 16.98
CA VAL C 140 -14.75 7.01 16.32
C VAL C 140 -14.20 8.05 17.29
N ASN C 141 -12.89 8.25 17.28
CA ASN C 141 -12.28 9.22 18.19
C ASN C 141 -12.63 10.65 17.82
N ASP C 142 -11.73 11.31 17.11
CA ASP C 142 -11.95 12.69 16.67
C ASP C 142 -12.02 12.72 15.14
N THR C 143 -12.33 13.90 14.61
CA THR C 143 -12.45 14.09 13.16
C THR C 143 -11.93 15.41 12.64
N ARG C 144 -11.28 15.35 11.49
CA ARG C 144 -10.70 16.51 10.82
C ARG C 144 -11.58 16.80 9.61
N THR C 145 -11.90 18.07 9.39
CA THR C 145 -12.76 18.46 8.28
C THR C 145 -12.05 19.37 7.26
N TYR C 146 -12.20 19.01 5.99
CA TYR C 146 -11.59 19.75 4.89
C TYR C 146 -12.60 20.10 3.81
N VAL C 147 -13.07 21.34 3.85
CA VAL C 147 -14.06 21.82 2.88
C VAL C 147 -13.45 22.12 1.53
N VAL C 148 -13.99 21.49 0.49
CA VAL C 148 -13.47 21.72 -0.85
C VAL C 148 -13.75 23.15 -1.30
N MET C 149 -12.70 23.83 -1.75
CA MET C 149 -12.83 25.20 -2.21
C MET C 149 -13.01 25.28 -3.72
N GLU C 150 -12.47 24.30 -4.42
CA GLU C 150 -12.59 24.27 -5.87
C GLU C 150 -12.23 22.89 -6.39
N GLU C 151 -13.01 22.39 -7.34
CA GLU C 151 -12.74 21.08 -7.87
C GLU C 151 -12.07 21.18 -9.24
N VAL C 152 -10.75 21.11 -9.25
CA VAL C 152 -9.99 21.19 -10.50
C VAL C 152 -10.09 19.92 -11.34
N LYS C 153 -9.96 18.75 -10.71
CA LYS C 153 -10.08 17.51 -11.46
C LYS C 153 -11.04 16.56 -10.75
N GLN C 154 -11.95 15.97 -11.52
CA GLN C 154 -12.93 15.04 -10.97
C GLN C 154 -13.53 14.19 -12.08
N SER C 155 -12.98 12.99 -12.25
CA SER C 155 -13.45 12.06 -13.27
C SER C 155 -13.33 10.63 -12.76
N ASN C 156 -14.46 9.95 -12.65
CA ASN C 156 -14.46 8.57 -12.19
C ASN C 156 -13.91 7.63 -13.28
N ARG C 157 -13.53 8.22 -14.42
CA ARG C 157 -13.00 7.45 -15.53
C ARG C 157 -11.67 6.76 -15.18
N LEU C 158 -11.57 5.47 -15.50
CA LEU C 158 -10.36 4.72 -15.23
C LEU C 158 -9.39 4.90 -16.41
N VAL C 159 -8.30 4.15 -16.43
CA VAL C 159 -7.31 4.25 -17.50
C VAL C 159 -7.22 2.97 -18.33
N ILE C 160 -8.00 2.90 -19.41
CA ILE C 160 -7.99 1.74 -20.27
C ILE C 160 -6.93 1.97 -21.34
N LYS C 161 -5.93 1.10 -21.37
CA LYS C 161 -4.83 1.19 -22.32
C LYS C 161 -5.21 0.64 -23.69
N THR C 162 -5.85 1.47 -24.50
CA THR C 162 -6.27 1.07 -25.84
C THR C 162 -5.07 1.12 -26.79
N ARG C 163 -4.41 -0.03 -26.93
CA ARG C 163 -3.25 -0.16 -27.79
C ARG C 163 -3.58 -0.97 -29.05
N LEU D 11 -39.47 21.46 -9.14
CA LEU D 11 -39.07 20.31 -9.99
C LEU D 11 -40.12 19.22 -10.13
N ASP D 12 -40.39 18.84 -11.38
CA ASP D 12 -41.37 17.80 -11.71
C ASP D 12 -40.99 16.51 -10.95
N ARG D 13 -41.96 15.96 -10.22
CA ARG D 13 -41.75 14.74 -9.48
C ARG D 13 -41.37 13.60 -10.41
N ILE D 14 -42.03 13.54 -11.57
CA ILE D 14 -41.73 12.49 -12.55
C ILE D 14 -40.30 12.66 -13.05
N ASP D 15 -39.88 13.92 -13.17
CA ASP D 15 -38.52 14.23 -13.62
C ASP D 15 -37.56 13.74 -12.55
N ARG D 16 -37.77 14.24 -11.34
CA ARG D 16 -36.96 13.88 -10.19
C ARG D 16 -36.92 12.35 -10.08
N ASN D 17 -37.99 11.71 -10.53
CA ASN D 17 -38.06 10.26 -10.50
C ASN D 17 -37.27 9.72 -11.69
N ILE D 18 -37.29 10.45 -12.80
CA ILE D 18 -36.55 10.07 -14.00
C ILE D 18 -35.07 10.09 -13.67
N LEU D 19 -34.64 11.21 -13.10
CA LEU D 19 -33.25 11.39 -12.70
C LEU D 19 -32.83 10.20 -11.84
N ASN D 20 -33.51 10.00 -10.72
CA ASN D 20 -33.19 8.91 -9.81
C ASN D 20 -33.07 7.58 -10.55
N GLU D 21 -34.13 7.19 -11.25
CA GLU D 21 -34.12 5.94 -12.00
C GLU D 21 -32.91 5.88 -12.92
N LEU D 22 -32.70 6.98 -13.63
CA LEU D 22 -31.59 7.09 -14.56
C LEU D 22 -30.27 6.96 -13.80
N GLN D 23 -30.19 7.60 -12.64
CA GLN D 23 -28.97 7.55 -11.82
C GLN D 23 -28.68 6.11 -11.41
N LYS D 24 -29.73 5.38 -11.07
CA LYS D 24 -29.63 3.98 -10.65
C LYS D 24 -29.03 3.15 -11.78
N ASP D 25 -29.45 3.48 -13.00
CA ASP D 25 -28.96 2.80 -14.19
C ASP D 25 -29.45 3.58 -15.40
N GLY D 26 -28.52 4.18 -16.14
CA GLY D 26 -28.87 4.97 -17.30
C GLY D 26 -28.96 4.22 -18.62
N ARG D 27 -28.23 3.13 -18.72
CA ARG D 27 -28.22 2.33 -19.94
C ARG D 27 -29.62 1.79 -20.25
N ILE D 28 -30.51 1.78 -19.27
CA ILE D 28 -31.86 1.27 -19.50
C ILE D 28 -32.52 1.98 -20.67
N SER D 29 -33.41 1.27 -21.36
CA SER D 29 -34.13 1.82 -22.50
C SER D 29 -35.26 2.75 -22.06
N ASN D 30 -35.70 3.62 -22.97
CA ASN D 30 -36.79 4.56 -22.68
C ASN D 30 -38.08 3.76 -22.47
N VAL D 31 -38.23 2.69 -23.23
CA VAL D 31 -39.40 1.84 -23.12
C VAL D 31 -39.48 1.35 -21.69
N GLU D 32 -38.33 1.20 -21.07
CA GLU D 32 -38.26 0.74 -19.69
C GLU D 32 -38.42 1.94 -18.74
N LEU D 33 -37.60 2.97 -18.96
CA LEU D 33 -37.65 4.17 -18.13
C LEU D 33 -39.06 4.76 -18.12
N SER D 34 -39.81 4.44 -19.16
CA SER D 34 -41.18 4.94 -19.28
C SER D 34 -42.12 4.14 -18.38
N LYS D 35 -41.87 2.83 -18.30
CA LYS D 35 -42.66 1.91 -17.49
C LYS D 35 -42.50 2.23 -16.01
N ARG D 36 -41.29 2.66 -15.64
CA ARG D 36 -40.97 3.01 -14.26
C ARG D 36 -41.73 4.24 -13.79
N VAL D 37 -41.71 5.30 -14.60
CA VAL D 37 -42.39 6.54 -14.26
C VAL D 37 -43.87 6.49 -14.57
N GLY D 38 -44.31 5.40 -15.17
CA GLY D 38 -45.71 5.25 -15.52
C GLY D 38 -46.15 6.27 -16.55
N LEU D 39 -45.67 6.10 -17.78
CA LEU D 39 -46.02 7.01 -18.86
C LEU D 39 -45.58 6.45 -20.19
N SER D 40 -46.29 6.84 -21.25
CA SER D 40 -45.96 6.37 -22.58
C SER D 40 -44.53 6.76 -22.92
N PRO D 41 -43.82 5.92 -23.68
CA PRO D 41 -42.43 6.18 -24.07
C PRO D 41 -42.14 7.64 -24.46
N THR D 42 -42.64 8.04 -25.62
CA THR D 42 -42.44 9.39 -26.13
C THR D 42 -42.64 10.48 -25.07
N PRO D 43 -43.85 10.56 -24.48
CA PRO D 43 -44.16 11.57 -23.47
C PRO D 43 -42.99 12.11 -22.65
N CYS D 44 -42.43 11.27 -21.78
CA CYS D 44 -41.33 11.71 -20.93
C CYS D 44 -39.95 11.48 -21.54
N LEU D 45 -39.89 10.71 -22.62
CA LEU D 45 -38.61 10.48 -23.27
C LEU D 45 -38.14 11.83 -23.81
N GLU D 46 -39.10 12.71 -24.06
CA GLU D 46 -38.80 14.05 -24.54
C GLU D 46 -38.51 14.88 -23.32
N ARG D 47 -38.92 14.37 -22.16
CA ARG D 47 -38.70 15.05 -20.88
C ARG D 47 -37.26 14.80 -20.44
N VAL D 48 -36.80 13.55 -20.57
CA VAL D 48 -35.44 13.19 -20.19
C VAL D 48 -34.49 13.90 -21.15
N ARG D 49 -35.03 14.30 -22.30
CA ARG D 49 -34.24 14.98 -23.31
C ARG D 49 -34.02 16.42 -22.87
N ARG D 50 -35.08 17.09 -22.47
CA ARG D 50 -34.97 18.46 -22.03
C ARG D 50 -34.29 18.45 -20.67
N LEU D 51 -34.41 17.31 -19.99
CA LEU D 51 -33.82 17.15 -18.67
C LEU D 51 -32.31 17.18 -18.82
N GLU D 52 -31.85 16.88 -20.03
CA GLU D 52 -30.43 16.88 -20.37
C GLU D 52 -30.04 18.30 -20.73
N ARG D 53 -30.57 18.77 -21.86
CA ARG D 53 -30.29 20.09 -22.39
C ARG D 53 -30.25 21.18 -21.32
N GLN D 54 -31.19 21.15 -20.38
CA GLN D 54 -31.23 22.17 -19.34
C GLN D 54 -29.95 22.21 -18.52
N GLY D 55 -29.35 21.05 -18.27
CA GLY D 55 -28.12 21.02 -17.51
C GLY D 55 -28.13 20.12 -16.30
N PHE D 56 -29.26 19.45 -16.07
CA PHE D 56 -29.39 18.54 -14.93
C PHE D 56 -28.55 17.28 -15.10
N ILE D 57 -28.41 16.84 -16.35
CA ILE D 57 -27.63 15.66 -16.63
C ILE D 57 -26.33 16.07 -17.30
N GLN D 58 -25.23 15.94 -16.58
CA GLN D 58 -23.93 16.31 -17.10
C GLN D 58 -23.50 15.32 -18.19
N GLY D 59 -24.16 14.17 -18.24
CA GLY D 59 -23.81 13.17 -19.24
C GLY D 59 -23.97 11.77 -18.68
N TYR D 60 -23.64 10.77 -19.47
CA TYR D 60 -23.77 9.37 -19.03
C TYR D 60 -22.46 8.62 -19.12
N THR D 61 -22.29 7.63 -18.25
CA THR D 61 -21.07 6.84 -18.25
C THR D 61 -21.25 5.48 -17.62
N ALA D 62 -20.32 4.57 -17.94
CA ALA D 62 -20.34 3.23 -17.41
C ALA D 62 -19.34 3.10 -16.29
N LEU D 63 -19.63 2.22 -15.34
CA LEU D 63 -18.76 1.97 -14.20
C LEU D 63 -17.93 0.73 -14.45
N LEU D 64 -16.60 0.84 -14.29
CA LEU D 64 -15.70 -0.30 -14.50
C LEU D 64 -14.94 -0.67 -13.24
N ASN D 65 -14.80 -1.96 -13.00
CA ASN D 65 -14.08 -2.45 -11.80
C ASN D 65 -12.57 -2.32 -11.99
N PRO D 66 -11.95 -1.40 -11.24
CA PRO D 66 -10.51 -1.15 -11.28
C PRO D 66 -9.68 -2.41 -11.08
N HIS D 67 -10.12 -3.27 -10.17
CA HIS D 67 -9.38 -4.51 -9.88
C HIS D 67 -9.16 -5.34 -11.15
N TYR D 68 -10.21 -5.49 -11.95
CA TYR D 68 -10.14 -6.26 -13.19
C TYR D 68 -9.16 -5.62 -14.19
N LEU D 69 -9.23 -4.31 -14.34
CA LEU D 69 -8.31 -3.63 -15.23
C LEU D 69 -6.99 -3.55 -14.49
N ASP D 70 -6.39 -2.36 -14.45
CA ASP D 70 -5.11 -2.19 -13.75
C ASP D 70 -5.05 -0.94 -12.90
N ALA D 71 -5.64 -1.01 -11.72
CA ALA D 71 -5.66 0.13 -10.81
C ALA D 71 -6.16 -0.33 -9.46
N SER D 72 -5.57 -1.39 -8.95
CA SER D 72 -5.97 -1.92 -7.65
C SER D 72 -5.42 -1.09 -6.49
N LEU D 73 -4.41 -0.27 -6.77
CA LEU D 73 -3.82 0.58 -5.75
C LEU D 73 -4.33 2.01 -5.89
N LEU D 74 -5.24 2.36 -5.00
CA LEU D 74 -5.82 3.68 -4.99
C LEU D 74 -5.13 4.48 -3.89
N VAL D 75 -4.52 5.62 -4.25
CA VAL D 75 -3.81 6.41 -3.27
C VAL D 75 -4.08 7.92 -3.29
N PHE D 76 -4.42 8.45 -2.12
CA PHE D 76 -4.70 9.87 -1.92
C PHE D 76 -3.42 10.56 -1.46
N VAL D 77 -3.16 11.73 -2.01
CA VAL D 77 -1.97 12.47 -1.62
C VAL D 77 -2.33 13.88 -1.16
N GLU D 78 -1.77 14.27 -0.02
CA GLU D 78 -2.02 15.60 0.53
C GLU D 78 -0.86 16.50 0.08
N ILE D 79 -1.19 17.53 -0.68
CA ILE D 79 -0.17 18.42 -1.18
C ILE D 79 -0.30 19.87 -0.70
N THR D 80 0.81 20.44 -0.29
CA THR D 80 0.87 21.83 0.17
C THR D 80 1.81 22.56 -0.80
N LEU D 81 1.57 23.86 -1.03
CA LEU D 81 2.41 24.62 -1.93
C LEU D 81 3.21 25.70 -1.22
N ASN D 82 4.21 26.24 -1.91
CA ASN D 82 5.05 27.30 -1.34
C ASN D 82 4.22 28.57 -1.19
N ARG D 83 4.27 29.19 -0.01
CA ARG D 83 3.51 30.40 0.24
C ARG D 83 4.16 31.62 -0.41
N GLY D 84 5.15 31.38 -1.26
CA GLY D 84 5.82 32.46 -1.95
C GLY D 84 4.93 33.14 -2.99
N ALA D 85 5.22 32.90 -4.27
CA ALA D 85 4.45 33.48 -5.36
C ALA D 85 3.02 32.97 -5.30
N PRO D 86 2.03 33.88 -5.29
CA PRO D 86 0.61 33.55 -5.22
C PRO D 86 0.09 32.85 -6.47
N ASP D 87 0.73 33.13 -7.60
CA ASP D 87 0.32 32.54 -8.86
C ASP D 87 0.48 31.02 -8.94
N VAL D 88 1.44 30.48 -8.19
CA VAL D 88 1.66 29.04 -8.21
C VAL D 88 0.38 28.23 -8.25
N PHE D 89 -0.53 28.49 -7.33
CA PHE D 89 -1.77 27.73 -7.29
C PHE D 89 -2.46 27.64 -8.64
N GLU D 90 -2.68 28.80 -9.26
CA GLU D 90 -3.34 28.84 -10.56
C GLU D 90 -2.52 28.02 -11.57
N GLN D 91 -1.21 28.00 -11.39
CA GLN D 91 -0.36 27.22 -12.29
C GLN D 91 -0.58 25.76 -12.00
N PHE D 92 -0.42 25.39 -10.72
CA PHE D 92 -0.60 24.02 -10.29
C PHE D 92 -1.89 23.47 -10.88
N ASN D 93 -2.99 24.18 -10.68
CA ASN D 93 -4.28 23.73 -11.19
C ASN D 93 -4.22 23.36 -12.65
N THR D 94 -4.04 24.35 -13.51
CA THR D 94 -3.98 24.10 -14.95
C THR D 94 -2.61 23.55 -15.27
N ALA D 95 -2.34 22.33 -14.83
CA ALA D 95 -1.05 21.70 -15.07
C ALA D 95 -1.10 20.32 -14.46
N VAL D 96 -2.11 20.14 -13.61
CA VAL D 96 -2.30 18.89 -12.91
C VAL D 96 -3.46 18.13 -13.51
N GLN D 97 -4.21 18.79 -14.38
CA GLN D 97 -5.36 18.14 -15.01
C GLN D 97 -4.89 17.19 -16.09
N LYS D 98 -3.84 17.60 -16.80
CA LYS D 98 -3.26 16.81 -17.89
C LYS D 98 -2.84 15.41 -17.42
N LEU D 99 -2.26 15.35 -16.23
CA LEU D 99 -1.81 14.10 -15.63
C LEU D 99 -2.94 13.09 -15.49
N GLU D 100 -2.98 12.14 -16.43
CA GLU D 100 -4.01 11.11 -16.45
C GLU D 100 -4.11 10.29 -15.17
N GLU D 101 -2.95 9.98 -14.58
CA GLU D 101 -2.93 9.19 -13.36
C GLU D 101 -3.62 9.86 -12.18
N ILE D 102 -3.83 11.17 -12.25
CA ILE D 102 -4.50 11.92 -11.18
C ILE D 102 -6.00 11.97 -11.46
N GLN D 103 -6.76 11.05 -10.86
CA GLN D 103 -8.20 11.00 -11.09
C GLN D 103 -9.00 12.18 -10.54
N GLU D 104 -8.67 12.62 -9.34
CA GLU D 104 -9.38 13.76 -8.74
C GLU D 104 -8.45 14.69 -7.99
N CYS D 105 -8.73 15.98 -8.09
CA CYS D 105 -7.92 16.95 -7.39
C CYS D 105 -8.78 18.06 -6.82
N HIS D 106 -8.83 18.16 -5.49
CA HIS D 106 -9.61 19.20 -4.84
C HIS D 106 -8.72 20.12 -4.02
N LEU D 107 -9.08 21.41 -4.03
CA LEU D 107 -8.36 22.41 -3.26
C LEU D 107 -9.18 22.71 -2.04
N VAL D 108 -8.65 22.36 -0.87
CA VAL D 108 -9.39 22.57 0.38
C VAL D 108 -8.76 23.62 1.29
N SER D 109 -9.41 23.90 2.40
CA SER D 109 -8.88 24.86 3.36
C SER D 109 -8.46 24.08 4.61
N GLY D 110 -7.18 24.20 4.97
CA GLY D 110 -6.68 23.52 6.15
C GLY D 110 -5.18 23.32 6.15
N ASP D 111 -4.69 22.52 7.09
CA ASP D 111 -3.27 22.23 7.20
C ASP D 111 -2.59 21.93 5.84
N PHE D 112 -3.36 21.52 4.84
CA PHE D 112 -2.76 21.28 3.52
C PHE D 112 -3.58 21.96 2.41
N ASP D 113 -3.07 22.00 1.19
CA ASP D 113 -3.79 22.70 0.13
C ASP D 113 -4.65 21.87 -0.80
N TYR D 114 -4.09 20.79 -1.33
CA TYR D 114 -4.86 19.95 -2.22
C TYR D 114 -4.94 18.51 -1.75
N LEU D 115 -5.84 17.78 -2.38
CA LEU D 115 -6.04 16.36 -2.09
C LEU D 115 -6.21 15.70 -3.44
N LEU D 116 -5.24 14.88 -3.83
CA LEU D 116 -5.33 14.20 -5.12
C LEU D 116 -5.64 12.71 -4.97
N LYS D 117 -6.57 12.24 -5.79
CA LYS D 117 -6.95 10.83 -5.77
C LYS D 117 -6.33 10.23 -7.03
N THR D 118 -5.34 9.38 -6.86
CA THR D 118 -4.71 8.76 -8.01
C THR D 118 -4.72 7.25 -7.91
N ARG D 119 -4.69 6.58 -9.06
CA ARG D 119 -4.66 5.13 -9.05
C ARG D 119 -3.47 4.65 -9.87
N VAL D 120 -2.88 3.54 -9.43
CA VAL D 120 -1.76 2.96 -10.12
C VAL D 120 -1.78 1.45 -9.95
N PRO D 121 -1.03 0.74 -10.80
CA PRO D 121 -0.97 -0.73 -10.72
C PRO D 121 -0.10 -1.26 -9.59
N ASP D 122 1.18 -0.91 -9.65
CA ASP D 122 2.17 -1.35 -8.66
C ASP D 122 2.42 -0.26 -7.64
N MET D 123 2.95 -0.65 -6.49
CA MET D 123 3.27 0.32 -5.46
C MET D 123 4.47 1.06 -6.04
N SER D 124 5.20 0.37 -6.90
CA SER D 124 6.37 0.94 -7.55
C SER D 124 5.87 2.06 -8.45
N ALA D 125 4.83 1.74 -9.22
CA ALA D 125 4.21 2.69 -10.14
C ALA D 125 4.02 4.02 -9.43
N TYR D 126 3.50 3.96 -8.21
CA TYR D 126 3.27 5.16 -7.42
C TYR D 126 4.61 5.84 -7.15
N ARG D 127 5.56 5.10 -6.58
CA ARG D 127 6.87 5.68 -6.29
C ARG D 127 7.40 6.37 -7.53
N LYS D 128 7.06 5.83 -8.70
CA LYS D 128 7.50 6.43 -9.96
C LYS D 128 6.78 7.75 -10.20
N LEU D 129 5.46 7.72 -10.10
CA LEU D 129 4.64 8.90 -10.31
C LEU D 129 5.10 9.99 -9.36
N LEU D 130 5.10 9.66 -8.08
CA LEU D 130 5.53 10.61 -7.07
C LEU D 130 7.01 10.89 -7.28
N GLY D 131 7.36 12.15 -7.51
CA GLY D 131 8.76 12.50 -7.68
C GLY D 131 9.25 12.70 -9.10
N GLU D 132 8.74 11.88 -10.03
CA GLU D 132 9.14 11.98 -11.42
C GLU D 132 8.23 13.01 -12.09
N THR D 133 7.01 13.12 -11.57
CA THR D 133 6.03 14.05 -12.08
C THR D 133 5.22 14.70 -10.96
N LEU D 134 4.84 13.89 -9.99
CA LEU D 134 4.03 14.38 -8.88
C LEU D 134 4.74 15.46 -8.06
N LEU D 135 5.97 15.21 -7.63
CA LEU D 135 6.71 16.20 -6.83
C LEU D 135 7.25 17.34 -7.68
N ARG D 136 7.24 17.16 -9.00
CA ARG D 136 7.74 18.18 -9.90
C ARG D 136 6.67 19.20 -10.23
N LEU D 137 5.51 19.07 -9.60
CA LEU D 137 4.40 19.99 -9.86
C LEU D 137 4.68 21.45 -9.50
N PRO D 138 3.97 22.38 -10.16
CA PRO D 138 4.13 23.82 -9.93
C PRO D 138 4.21 24.21 -8.46
N GLY D 139 5.42 24.58 -8.03
CA GLY D 139 5.64 25.00 -6.65
C GLY D 139 4.97 24.19 -5.56
N VAL D 140 5.55 23.04 -5.27
CA VAL D 140 5.02 22.18 -4.23
C VAL D 140 5.97 22.17 -3.05
N ASN D 141 5.41 22.26 -1.85
CA ASN D 141 6.20 22.27 -0.65
C ASN D 141 6.20 20.91 0.03
N ASP D 142 5.10 20.57 0.69
CA ASP D 142 4.98 19.29 1.39
C ASP D 142 4.13 18.34 0.55
N THR D 143 4.24 17.04 0.84
CA THR D 143 3.49 16.02 0.11
C THR D 143 3.37 14.74 0.92
N ARG D 144 2.25 14.60 1.63
CA ARG D 144 1.98 13.41 2.45
C ARG D 144 1.07 12.46 1.66
N THR D 145 1.51 11.19 1.59
CA THR D 145 0.82 10.12 0.88
C THR D 145 0.00 9.18 1.77
N TYR D 146 -1.15 8.73 1.27
CA TYR D 146 -2.04 7.84 2.02
C TYR D 146 -2.60 6.72 1.16
N VAL D 147 -2.00 5.54 1.22
CA VAL D 147 -2.51 4.43 0.43
C VAL D 147 -3.79 3.92 1.09
N VAL D 148 -4.71 3.39 0.29
CA VAL D 148 -5.96 2.87 0.83
C VAL D 148 -5.93 1.35 0.95
N MET D 149 -6.46 0.84 2.06
CA MET D 149 -6.46 -0.60 2.29
C MET D 149 -7.80 -1.21 1.89
N GLU D 150 -8.86 -0.39 1.91
CA GLU D 150 -10.20 -0.84 1.56
C GLU D 150 -11.09 0.33 1.19
N GLU D 151 -11.49 0.39 -0.08
CA GLU D 151 -12.38 1.46 -0.54
C GLU D 151 -13.80 0.94 -0.40
N VAL D 152 -14.33 1.06 0.82
CA VAL D 152 -15.65 0.58 1.16
C VAL D 152 -16.84 1.33 0.54
N LYS D 153 -16.58 2.32 -0.30
CA LYS D 153 -17.69 3.05 -0.92
C LYS D 153 -17.20 4.01 -1.99
N GLN D 154 -17.81 3.95 -3.16
CA GLN D 154 -17.44 4.85 -4.25
C GLN D 154 -18.55 4.97 -5.27
N SER D 155 -19.36 6.02 -5.14
CA SER D 155 -20.48 6.25 -6.04
C SER D 155 -20.66 7.74 -6.28
N ASN D 156 -20.55 8.17 -7.54
CA ASN D 156 -20.71 9.59 -7.86
C ASN D 156 -22.19 9.96 -7.82
N ARG D 157 -23.03 8.99 -7.48
CA ARG D 157 -24.48 9.20 -7.41
C ARG D 157 -24.84 10.23 -6.34
N LEU D 158 -25.71 11.17 -6.69
CA LEU D 158 -26.14 12.20 -5.73
C LEU D 158 -27.37 11.66 -4.98
N VAL D 159 -28.02 12.51 -4.20
CA VAL D 159 -29.19 12.08 -3.44
C VAL D 159 -30.46 12.80 -3.89
N ILE D 160 -31.22 12.17 -4.78
CA ILE D 160 -32.46 12.74 -5.30
C ILE D 160 -33.66 12.18 -4.52
N LYS D 161 -34.56 13.05 -4.04
CA LYS D 161 -35.71 12.60 -3.26
C LYS D 161 -37.02 12.40 -4.05
N THR D 162 -37.30 11.15 -4.42
CA THR D 162 -38.50 10.79 -5.17
C THR D 162 -39.73 10.77 -4.29
N ARG D 163 -40.26 11.95 -3.97
CA ARG D 163 -41.43 12.05 -3.11
C ARG D 163 -42.51 12.94 -3.73
#